data_9GN2
#
_entry.id   9GN2
#
_cell.length_a   148.981
_cell.length_b   148.981
_cell.length_c   148.981
_cell.angle_alpha   90.00
_cell.angle_beta   90.00
_cell.angle_gamma   90.00
#
_symmetry.space_group_name_H-M   'I 21 3'
#
loop_
_entity.id
_entity.type
_entity.pdbx_description
1 polymer 'Nucleoside deoxyribosyltransferase'
2 non-polymer 6-AMINOPYRIMIDIN-2(1H)-ONE
3 non-polymer alpha-D-ribofuranose
4 water water
#
_entity_poly.entity_id   1
_entity_poly.type   'polypeptide(L)'
_entity_poly.pdbx_seq_one_letter_code
;MPKKTIYFGAGWFTDRQNKAYKEAMEALKENPTIDLENSYVPLDNQYKGIRVDEHPEYLHDKVWATATYNNDLNGIKTND
IMLGVYIPDEEDVGLGMELGYALSQGKYVLLVIPDEDYGKPINLMSWGVSDNVIKMSQLKDFNFNKPRFDFYEGAVY
;
_entity_poly.pdbx_strand_id   A,B
#
loop_
_chem_comp.id
_chem_comp.type
_chem_comp.name
_chem_comp.formula
CYT non-polymer 6-AMINOPYRIMIDIN-2(1H)-ONE 'C4 H5 N3 O'
RIB D-saccharide, alpha linking alpha-D-ribofuranose 'C5 H10 O5'
#
# COMPACT_ATOMS: atom_id res chain seq x y z
N MET A 1 -26.82 18.69 -12.42
CA MET A 1 -26.13 17.62 -11.65
C MET A 1 -24.61 17.83 -11.65
N PRO A 2 -23.97 18.15 -10.50
CA PRO A 2 -22.52 18.10 -10.41
C PRO A 2 -21.96 16.69 -10.56
N LYS A 3 -20.81 16.58 -11.22
CA LYS A 3 -20.14 15.31 -11.43
C LYS A 3 -18.72 15.41 -10.84
N LYS A 4 -18.20 14.29 -10.30
CA LYS A 4 -16.83 14.22 -9.81
C LYS A 4 -16.00 13.30 -10.72
N THR A 5 -14.67 13.49 -10.76
CA THR A 5 -13.79 12.57 -11.46
C THR A 5 -13.15 11.62 -10.46
N ILE A 6 -12.66 10.48 -10.96
CA ILE A 6 -12.00 9.48 -10.12
C ILE A 6 -10.66 9.05 -10.71
N TYR A 7 -9.86 8.46 -9.83
CA TYR A 7 -8.73 7.63 -10.21
C TYR A 7 -9.20 6.18 -10.06
N PHE A 8 -8.98 5.40 -11.12
CA PHE A 8 -9.45 4.02 -11.16
C PHE A 8 -8.38 3.10 -10.58
N GLY A 9 -8.38 2.99 -9.25
CA GLY A 9 -7.45 2.09 -8.56
C GLY A 9 -7.93 0.64 -8.65
N ALA A 10 -7.22 -0.18 -9.41
CA ALA A 10 -7.62 -1.56 -9.64
C ALA A 10 -6.44 -2.37 -10.16
N GLY A 11 -6.25 -3.59 -9.66
CA GLY A 11 -5.28 -4.52 -10.26
C GLY A 11 -5.84 -5.16 -11.53
N TRP A 12 -4.92 -5.69 -12.36
CA TRP A 12 -5.29 -6.34 -13.60
C TRP A 12 -4.45 -7.60 -13.84
N PHE A 13 -4.08 -8.29 -12.74
CA PHE A 13 -3.09 -9.36 -12.74
C PHE A 13 -3.68 -10.72 -12.34
N THR A 14 -5.01 -10.84 -12.11
CA THR A 14 -5.67 -12.11 -11.86
C THR A 14 -7.02 -12.09 -12.54
N ASP A 15 -7.68 -13.26 -12.57
CA ASP A 15 -8.99 -13.39 -13.20
C ASP A 15 -10.04 -12.63 -12.41
N ARG A 16 -9.98 -12.70 -11.08
CA ARG A 16 -10.96 -12.01 -10.24
C ARG A 16 -10.74 -10.50 -10.28
N GLN A 17 -9.48 -10.06 -10.36
CA GLN A 17 -9.18 -8.65 -10.52
C GLN A 17 -9.80 -8.14 -11.82
N ASN A 18 -9.65 -8.91 -12.89
CA ASN A 18 -10.11 -8.46 -14.19
C ASN A 18 -11.64 -8.45 -14.23
N LYS A 19 -12.27 -9.39 -13.53
CA LYS A 19 -13.73 -9.43 -13.49
C LYS A 19 -14.23 -8.16 -12.80
N ALA A 20 -13.67 -7.91 -11.61
CA ALA A 20 -14.04 -6.77 -10.77
C ALA A 20 -13.75 -5.46 -11.48
N TYR A 21 -12.62 -5.39 -12.17
CA TYR A 21 -12.27 -4.26 -13.00
C TYR A 21 -13.40 -3.97 -13.97
N LYS A 22 -13.86 -5.02 -14.71
CA LYS A 22 -14.83 -4.84 -15.78
C LYS A 22 -16.14 -4.33 -15.17
N GLU A 23 -16.52 -4.92 -14.03
CA GLU A 23 -17.77 -4.58 -13.36
C GLU A 23 -17.76 -3.13 -12.86
N ALA A 24 -16.64 -2.72 -12.24
CA ALA A 24 -16.55 -1.39 -11.68
C ALA A 24 -16.64 -0.35 -12.80
N MET A 25 -15.98 -0.63 -13.92
CA MET A 25 -16.02 0.29 -15.04
C MET A 25 -17.48 0.42 -15.53
N GLU A 26 -18.23 -0.69 -15.63
CA GLU A 26 -19.60 -0.63 -16.10
C GLU A 26 -20.45 0.19 -15.12
N ALA A 27 -20.24 -0.03 -13.82
CA ALA A 27 -20.94 0.74 -12.82
C ALA A 27 -20.70 2.24 -12.97
N LEU A 28 -19.46 2.65 -13.27
CA LEU A 28 -19.15 4.07 -13.37
C LEU A 28 -19.79 4.71 -14.61
N LYS A 29 -19.88 3.95 -15.71
CA LYS A 29 -20.60 4.42 -16.88
C LYS A 29 -22.02 4.85 -16.53
N GLU A 30 -22.68 4.09 -15.63
CA GLU A 30 -24.09 4.28 -15.30
C GLU A 30 -24.26 5.27 -14.14
N ASN A 31 -23.18 5.72 -13.47
CA ASN A 31 -23.34 6.57 -12.29
C ASN A 31 -23.43 8.03 -12.71
N PRO A 32 -24.55 8.73 -12.46
CA PRO A 32 -24.71 10.09 -12.96
C PRO A 32 -23.94 11.16 -12.17
N THR A 33 -23.30 10.78 -11.05
CA THR A 33 -22.46 11.73 -10.32
C THR A 33 -20.98 11.62 -10.72
N ILE A 34 -20.66 10.84 -11.77
CA ILE A 34 -19.29 10.60 -12.19
C ILE A 34 -19.08 11.08 -13.64
N ASP A 35 -18.01 11.86 -13.85
CA ASP A 35 -17.50 12.14 -15.18
C ASP A 35 -16.37 11.16 -15.48
N LEU A 36 -16.74 10.05 -16.14
CA LEU A 36 -15.77 9.01 -16.48
C LEU A 36 -14.86 9.41 -17.62
N GLU A 37 -15.37 10.21 -18.54
CA GLU A 37 -14.58 10.69 -19.66
C GLU A 37 -13.33 11.37 -19.13
N ASN A 38 -13.43 12.16 -18.04
CA ASN A 38 -12.32 12.99 -17.59
C ASN A 38 -11.57 12.37 -16.40
N SER A 39 -11.90 11.12 -16.11
CA SER A 39 -11.28 10.38 -15.03
C SER A 39 -9.99 9.76 -15.53
N TYR A 40 -9.14 9.34 -14.58
CA TYR A 40 -7.85 8.76 -14.90
C TYR A 40 -7.93 7.25 -14.72
N VAL A 41 -7.64 6.57 -15.82
CA VAL A 41 -7.54 5.12 -15.85
C VAL A 41 -6.10 4.70 -16.11
N PRO A 42 -5.41 4.14 -15.12
CA PRO A 42 -4.00 3.81 -15.27
C PRO A 42 -3.66 3.08 -16.59
N LEU A 43 -4.47 2.08 -16.93
CA LEU A 43 -4.15 1.17 -18.02
C LEU A 43 -4.10 1.90 -19.35
N ASP A 44 -4.76 3.06 -19.46
CA ASP A 44 -4.72 3.90 -20.65
C ASP A 44 -3.71 5.03 -20.48
N ASN A 45 -2.95 5.05 -19.38
CA ASN A 45 -2.05 6.17 -19.13
C ASN A 45 -0.64 5.66 -18.85
N GLN A 46 -0.32 4.43 -19.28
CA GLN A 46 1.03 3.91 -19.09
C GLN A 46 1.93 4.67 -20.07
N TYR A 47 3.20 4.82 -19.70
CA TYR A 47 4.15 5.58 -20.49
C TYR A 47 4.26 4.99 -21.90
N LYS A 48 4.13 5.89 -22.89
CA LYS A 48 4.31 5.58 -24.30
C LYS A 48 3.18 4.70 -24.81
N GLY A 49 2.16 4.50 -23.98
CA GLY A 49 1.00 3.71 -24.33
C GLY A 49 1.27 2.22 -24.15
N ILE A 50 2.38 1.88 -23.49
CA ILE A 50 2.80 0.48 -23.49
C ILE A 50 2.60 -0.12 -22.11
N ARG A 51 2.12 -1.36 -22.08
CA ARG A 51 1.99 -2.11 -20.85
C ARG A 51 3.07 -3.18 -20.77
N VAL A 52 3.67 -3.36 -19.60
CA VAL A 52 4.82 -4.24 -19.43
C VAL A 52 4.42 -5.71 -19.60
N ASP A 53 3.12 -6.00 -19.55
CA ASP A 53 2.67 -7.39 -19.68
C ASP A 53 2.81 -7.77 -21.17
N GLU A 54 2.46 -6.81 -22.05
CA GLU A 54 2.50 -7.00 -23.49
C GLU A 54 3.87 -6.66 -24.10
N HIS A 55 4.77 -6.02 -23.33
CA HIS A 55 6.10 -5.66 -23.83
C HIS A 55 7.12 -5.76 -22.71
N PRO A 56 7.51 -6.98 -22.30
CA PRO A 56 8.40 -7.22 -21.17
C PRO A 56 9.82 -6.63 -21.25
N GLU A 57 10.14 -6.01 -22.38
CA GLU A 57 11.42 -5.32 -22.51
C GLU A 57 11.44 -4.14 -21.54
N TYR A 58 10.29 -3.54 -21.24
CA TYR A 58 10.23 -2.36 -20.39
C TYR A 58 10.33 -2.71 -18.90
N LEU A 59 10.54 -3.98 -18.54
CA LEU A 59 10.66 -4.39 -17.14
C LEU A 59 11.88 -3.80 -16.43
N HIS A 60 12.88 -3.35 -17.21
CA HIS A 60 14.09 -2.80 -16.60
C HIS A 60 14.29 -1.34 -17.02
N ASP A 61 13.51 -0.83 -18.01
CA ASP A 61 13.49 0.58 -18.39
C ASP A 61 13.04 1.50 -17.24
N LYS A 62 13.97 2.35 -16.77
CA LYS A 62 13.73 3.21 -15.62
C LYS A 62 12.99 4.48 -16.06
N VAL A 63 13.09 4.80 -17.34
CA VAL A 63 12.35 5.93 -17.88
C VAL A 63 10.85 5.59 -17.89
N TRP A 64 10.51 4.43 -18.48
CA TRP A 64 9.14 3.97 -18.49
C TRP A 64 8.59 3.96 -17.06
N ALA A 65 9.31 3.35 -16.12
CA ALA A 65 8.88 3.26 -14.74
C ALA A 65 8.69 4.64 -14.10
N THR A 66 9.63 5.57 -14.34
CA THR A 66 9.57 6.89 -13.74
C THR A 66 8.32 7.61 -14.22
N ALA A 67 8.11 7.61 -15.54
CA ALA A 67 6.99 8.34 -16.12
C ALA A 67 5.63 7.72 -15.75
N THR A 68 5.57 6.40 -15.68
CA THR A 68 4.28 5.78 -15.47
C THR A 68 3.95 5.92 -13.97
N TYR A 69 4.93 5.78 -13.08
CA TYR A 69 4.70 6.04 -11.67
C TYR A 69 4.24 7.49 -11.48
N ASN A 70 4.86 8.43 -12.18
CA ASN A 70 4.57 9.83 -11.92
C ASN A 70 3.18 10.19 -12.46
N ASN A 71 2.80 9.55 -13.57
CA ASN A 71 1.52 9.81 -14.18
C ASN A 71 0.39 9.33 -13.25
N ASP A 72 0.60 8.17 -12.61
CA ASP A 72 -0.38 7.63 -11.69
C ASP A 72 -0.55 8.58 -10.50
N LEU A 73 0.56 9.08 -9.96
CA LEU A 73 0.47 9.99 -8.82
C LEU A 73 -0.30 11.22 -9.24
N ASN A 74 0.00 11.68 -10.46
CA ASN A 74 -0.64 12.86 -11.00
C ASN A 74 -2.14 12.62 -11.20
N GLY A 75 -2.48 11.42 -11.66
CA GLY A 75 -3.87 11.04 -11.83
C GLY A 75 -4.63 11.04 -10.50
N ILE A 76 -3.98 10.62 -9.41
CA ILE A 76 -4.65 10.65 -8.12
C ILE A 76 -4.86 12.09 -7.71
N LYS A 77 -3.79 12.89 -7.82
CA LYS A 77 -3.82 14.22 -7.22
C LYS A 77 -4.73 15.17 -8.00
N THR A 78 -4.92 15.00 -9.31
CA THR A 78 -5.74 15.94 -10.07
C THR A 78 -7.20 15.48 -10.23
N ASN A 79 -7.60 14.37 -9.62
CA ASN A 79 -8.98 13.92 -9.68
C ASN A 79 -9.62 13.98 -8.29
N ASP A 80 -10.95 14.02 -8.28
CA ASP A 80 -11.68 14.42 -7.07
C ASP A 80 -11.66 13.27 -6.07
N ILE A 81 -11.77 12.03 -6.57
CA ILE A 81 -12.01 10.90 -5.70
C ILE A 81 -11.09 9.72 -6.04
N MET A 82 -10.63 9.04 -4.99
CA MET A 82 -9.83 7.83 -5.10
C MET A 82 -10.72 6.60 -4.95
N LEU A 83 -10.72 5.77 -5.99
CA LEU A 83 -11.45 4.52 -6.01
C LEU A 83 -10.45 3.38 -5.97
N GLY A 84 -10.73 2.41 -5.10
CA GLY A 84 -9.96 1.17 -5.04
C GLY A 84 -10.84 -0.06 -5.21
N VAL A 85 -10.73 -0.68 -6.38
CA VAL A 85 -11.33 -1.97 -6.62
C VAL A 85 -10.52 -3.01 -5.86
N TYR A 86 -11.14 -3.61 -4.87
CA TYR A 86 -10.43 -4.34 -3.83
C TYR A 86 -10.92 -5.79 -3.75
N ILE A 87 -10.00 -6.75 -3.96
CA ILE A 87 -10.27 -8.16 -3.80
C ILE A 87 -9.67 -8.64 -2.47
N PRO A 88 -10.49 -8.95 -1.46
CA PRO A 88 -9.98 -9.30 -0.13
C PRO A 88 -9.03 -10.51 -0.12
N ASP A 89 -9.20 -11.47 -1.02
CA ASP A 89 -8.33 -12.63 -1.05
C ASP A 89 -7.07 -12.35 -1.87
N GLU A 90 -7.04 -11.25 -2.63
CA GLU A 90 -5.98 -10.97 -3.57
C GLU A 90 -5.60 -9.48 -3.49
N GLU A 91 -5.12 -9.06 -2.33
CA GLU A 91 -4.89 -7.64 -2.12
C GLU A 91 -3.59 -7.25 -2.81
N ASP A 92 -3.56 -5.98 -3.26
CA ASP A 92 -2.53 -5.46 -4.15
C ASP A 92 -1.67 -4.42 -3.43
N VAL A 93 -0.35 -4.69 -3.37
CA VAL A 93 0.58 -3.75 -2.77
C VAL A 93 0.55 -2.39 -3.48
N GLY A 94 0.36 -2.37 -4.81
CA GLY A 94 0.35 -1.12 -5.57
C GLY A 94 -0.81 -0.25 -5.15
N LEU A 95 -1.99 -0.86 -5.06
CA LEU A 95 -3.18 -0.14 -4.68
C LEU A 95 -3.02 0.37 -3.27
N GLY A 96 -2.40 -0.44 -2.41
CA GLY A 96 -2.14 -0.07 -1.03
C GLY A 96 -1.41 1.27 -0.96
N MET A 97 -0.32 1.37 -1.75
CA MET A 97 0.47 2.57 -1.81
C MET A 97 -0.39 3.74 -2.29
N GLU A 98 -1.20 3.50 -3.32
CA GLU A 98 -2.00 4.55 -3.96
C GLU A 98 -3.04 5.06 -2.98
N LEU A 99 -3.56 4.17 -2.11
CA LEU A 99 -4.50 4.56 -1.08
C LEU A 99 -3.82 5.54 -0.13
N GLY A 100 -2.60 5.20 0.29
CA GLY A 100 -1.84 6.05 1.18
C GLY A 100 -1.55 7.42 0.56
N TYR A 101 -1.23 7.43 -0.74
CA TYR A 101 -0.94 8.69 -1.41
C TYR A 101 -2.22 9.53 -1.52
N ALA A 102 -3.35 8.86 -1.84
CA ALA A 102 -4.63 9.53 -1.91
C ALA A 102 -5.00 10.18 -0.57
N LEU A 103 -4.72 9.48 0.54
CA LEU A 103 -4.93 10.02 1.88
C LEU A 103 -4.13 11.29 2.03
N SER A 104 -2.86 11.26 1.61
CA SER A 104 -2.00 12.41 1.80
C SER A 104 -2.47 13.58 0.93
N GLN A 105 -3.20 13.30 -0.16
CA GLN A 105 -3.66 14.37 -1.03
C GLN A 105 -5.07 14.86 -0.67
N GLY A 106 -5.64 14.37 0.44
CA GLY A 106 -6.93 14.85 0.91
C GLY A 106 -8.12 14.32 0.11
N LYS A 107 -7.97 13.17 -0.58
CA LYS A 107 -9.03 12.60 -1.39
C LYS A 107 -9.90 11.67 -0.56
N TYR A 108 -11.20 11.68 -0.87
CA TYR A 108 -12.10 10.64 -0.45
C TYR A 108 -11.57 9.31 -0.97
N VAL A 109 -11.48 8.33 -0.06
CA VAL A 109 -10.95 7.01 -0.40
C VAL A 109 -12.08 5.98 -0.23
N LEU A 110 -12.55 5.45 -1.37
CA LEU A 110 -13.67 4.54 -1.44
C LEU A 110 -13.17 3.20 -1.97
N LEU A 111 -13.39 2.14 -1.18
CA LEU A 111 -13.13 0.78 -1.66
C LEU A 111 -14.43 0.19 -2.17
N VAL A 112 -14.32 -0.61 -3.23
CA VAL A 112 -15.41 -1.36 -3.80
C VAL A 112 -14.98 -2.82 -3.90
N ILE A 113 -15.75 -3.68 -3.25
CA ILE A 113 -15.50 -5.11 -3.18
C ILE A 113 -16.60 -5.83 -3.92
N PRO A 114 -16.28 -6.79 -4.80
CA PRO A 114 -17.29 -7.65 -5.42
C PRO A 114 -18.30 -8.18 -4.40
N ASP A 115 -19.60 -8.18 -4.78
CA ASP A 115 -20.66 -8.60 -3.88
C ASP A 115 -20.37 -9.98 -3.30
N GLU A 116 -19.84 -10.88 -4.15
CA GLU A 116 -19.49 -12.23 -3.74
C GLU A 116 -18.47 -12.20 -2.59
N ASP A 117 -17.69 -11.11 -2.46
CA ASP A 117 -16.64 -11.06 -1.43
C ASP A 117 -16.97 -10.10 -0.27
N TYR A 118 -17.99 -9.24 -0.42
CA TYR A 118 -18.22 -8.16 0.55
C TYR A 118 -18.54 -8.81 1.89
N GLY A 119 -17.85 -8.36 2.96
CA GLY A 119 -18.02 -8.96 4.28
C GLY A 119 -16.79 -9.74 4.76
N LYS A 120 -15.95 -10.20 3.81
CA LYS A 120 -14.75 -10.94 4.14
C LYS A 120 -13.74 -10.01 4.80
N PRO A 121 -12.81 -10.57 5.62
CA PRO A 121 -11.84 -9.74 6.31
C PRO A 121 -10.95 -9.01 5.33
N ILE A 122 -10.57 -7.77 5.66
CA ILE A 122 -9.62 -7.01 4.86
C ILE A 122 -8.48 -6.55 5.73
N ASN A 123 -7.34 -6.23 5.11
CA ASN A 123 -6.18 -5.75 5.83
C ASN A 123 -6.54 -4.55 6.71
N LEU A 124 -6.06 -4.57 7.96
CA LEU A 124 -6.30 -3.48 8.89
C LEU A 124 -5.99 -2.13 8.26
N MET A 125 -4.89 -2.02 7.53
CA MET A 125 -4.46 -0.72 7.03
C MET A 125 -5.35 -0.25 5.89
N SER A 126 -5.89 -1.19 5.09
CA SER A 126 -6.88 -0.85 4.09
C SER A 126 -8.16 -0.31 4.74
N TRP A 127 -8.61 -1.01 5.78
CA TRP A 127 -9.75 -0.62 6.59
C TRP A 127 -9.58 0.82 7.10
N GLY A 128 -8.38 1.13 7.56
CA GLY A 128 -8.10 2.41 8.20
C GLY A 128 -7.93 3.55 7.19
N VAL A 129 -7.21 3.34 6.08
CA VAL A 129 -7.06 4.43 5.12
C VAL A 129 -8.40 4.80 4.50
N SER A 130 -9.23 3.79 4.26
CA SER A 130 -10.53 3.95 3.65
C SER A 130 -11.37 4.94 4.44
N ASP A 131 -12.10 5.75 3.68
CA ASP A 131 -13.17 6.54 4.27
C ASP A 131 -14.46 5.72 4.33
N ASN A 132 -14.58 4.73 3.45
CA ASN A 132 -15.82 3.98 3.29
C ASN A 132 -15.53 2.79 2.37
N VAL A 133 -16.33 1.73 2.51
CA VAL A 133 -16.27 0.62 1.58
C VAL A 133 -17.67 0.07 1.27
N ILE A 134 -17.91 -0.20 -0.01
CA ILE A 134 -19.20 -0.56 -0.54
C ILE A 134 -19.09 -1.79 -1.43
N LYS A 135 -20.25 -2.35 -1.82
CA LYS A 135 -20.31 -3.48 -2.72
C LYS A 135 -20.31 -3.02 -4.17
N MET A 136 -19.81 -3.85 -5.07
CA MET A 136 -19.82 -3.55 -6.48
C MET A 136 -21.19 -3.07 -6.94
N SER A 137 -22.25 -3.68 -6.41
CA SER A 137 -23.60 -3.43 -6.88
C SER A 137 -24.13 -2.09 -6.37
N GLN A 138 -23.44 -1.47 -5.40
CA GLN A 138 -23.78 -0.11 -4.97
C GLN A 138 -23.10 0.99 -5.81
N LEU A 139 -22.15 0.63 -6.68
CA LEU A 139 -21.26 1.63 -7.27
C LEU A 139 -21.99 2.50 -8.29
N LYS A 140 -22.89 1.92 -9.07
CA LYS A 140 -23.66 2.65 -10.08
C LYS A 140 -24.53 3.75 -9.45
N ASP A 141 -24.86 3.67 -8.16
CA ASP A 141 -25.78 4.61 -7.55
C ASP A 141 -25.13 5.46 -6.47
N PHE A 142 -23.86 5.19 -6.16
CA PHE A 142 -23.20 5.93 -5.11
C PHE A 142 -23.19 7.42 -5.42
N ASN A 143 -23.59 8.24 -4.45
CA ASN A 143 -23.61 9.68 -4.65
C ASN A 143 -22.26 10.30 -4.27
N PHE A 144 -21.46 10.57 -5.30
CA PHE A 144 -20.11 11.05 -5.10
C PHE A 144 -20.10 12.53 -4.73
N ASN A 145 -21.26 13.19 -4.76
CA ASN A 145 -21.30 14.61 -4.38
C ASN A 145 -21.42 14.79 -2.87
N LYS A 146 -21.84 13.72 -2.17
CA LYS A 146 -22.07 13.75 -0.74
C LYS A 146 -21.39 12.52 -0.12
N PRO A 147 -20.06 12.39 -0.29
CA PRO A 147 -19.35 11.23 0.24
C PRO A 147 -19.17 11.32 1.75
N ARG A 148 -19.51 10.25 2.46
CA ARG A 148 -19.39 10.26 3.90
C ARG A 148 -18.46 9.14 4.35
N PHE A 149 -17.94 9.30 5.57
CA PHE A 149 -17.23 8.27 6.31
C PHE A 149 -18.18 7.21 6.88
N ASP A 150 -17.83 5.95 6.71
CA ASP A 150 -18.52 4.85 7.36
C ASP A 150 -17.54 3.70 7.58
N PHE A 151 -17.90 2.82 8.53
CA PHE A 151 -17.12 1.63 8.81
C PHE A 151 -17.50 0.47 7.89
N TYR A 152 -16.48 -0.30 7.48
CA TYR A 152 -16.75 -1.56 6.79
C TYR A 152 -17.60 -2.45 7.69
N GLU A 153 -18.60 -3.10 7.07
CA GLU A 153 -19.43 -4.12 7.68
C GLU A 153 -18.73 -5.47 7.43
N GLY A 154 -17.67 -5.72 8.20
CA GLY A 154 -16.74 -6.80 7.91
C GLY A 154 -15.61 -6.80 8.94
N ALA A 155 -14.81 -7.86 8.93
CA ALA A 155 -13.66 -7.95 9.83
C ALA A 155 -12.43 -7.32 9.19
N VAL A 156 -11.45 -6.99 10.03
CA VAL A 156 -10.08 -6.93 9.58
C VAL A 156 -9.30 -8.18 9.98
N TYR A 157 -8.10 -8.31 9.42
CA TYR A 157 -7.01 -9.11 9.98
C TYR A 157 -5.73 -8.20 10.15
N MET B 1 27.87 7.70 15.18
CA MET B 1 27.74 8.30 16.54
C MET B 1 26.30 8.74 16.78
N PRO B 2 25.68 9.64 15.98
CA PRO B 2 24.23 9.84 16.06
C PRO B 2 23.46 8.61 15.55
N LYS B 3 22.35 8.32 16.24
CA LYS B 3 21.52 7.17 15.92
C LYS B 3 20.13 7.66 15.48
N LYS B 4 19.52 6.97 14.51
CA LYS B 4 18.16 7.28 14.07
C LYS B 4 17.21 6.15 14.48
N THR B 5 15.92 6.45 14.67
CA THR B 5 14.91 5.43 14.95
C THR B 5 14.19 5.04 13.67
N ILE B 6 13.58 3.84 13.68
CA ILE B 6 12.81 3.34 12.56
C ILE B 6 11.44 2.83 12.98
N TYR B 7 10.56 2.66 11.98
CA TYR B 7 9.36 1.86 12.12
C TYR B 7 9.65 0.56 11.39
N PHE B 8 9.38 -0.55 12.08
CA PHE B 8 9.70 -1.87 11.56
C PHE B 8 8.52 -2.40 10.74
N GLY B 9 8.50 -2.01 9.48
CA GLY B 9 7.47 -2.46 8.55
C GLY B 9 7.81 -3.84 8.00
N ALA B 10 7.09 -4.87 8.49
CA ALA B 10 7.37 -6.25 8.19
C ALA B 10 6.18 -7.12 8.54
N GLY B 11 5.80 -8.04 7.64
CA GLY B 11 4.75 -9.03 7.89
C GLY B 11 5.25 -10.17 8.77
N TRP B 12 4.32 -10.91 9.40
CA TRP B 12 4.68 -12.03 10.26
C TRP B 12 3.73 -13.21 10.07
N PHE B 13 3.18 -13.39 8.86
CA PHE B 13 2.16 -14.39 8.61
C PHE B 13 2.80 -15.67 8.06
N THR B 14 3.71 -15.54 7.07
CA THR B 14 4.25 -16.66 6.32
C THR B 14 5.65 -16.98 6.83
N ASP B 15 6.19 -18.08 6.29
CA ASP B 15 7.50 -18.57 6.67
C ASP B 15 8.57 -17.61 6.19
N ARG B 16 8.43 -17.13 4.95
CA ARG B 16 9.43 -16.24 4.35
C ARG B 16 9.40 -14.88 5.04
N GLN B 17 8.20 -14.41 5.41
CA GLN B 17 8.09 -13.19 6.17
C GLN B 17 8.84 -13.31 7.50
N ASN B 18 8.62 -14.42 8.20
CA ASN B 18 9.20 -14.59 9.52
C ASN B 18 10.72 -14.75 9.43
N LYS B 19 11.22 -15.35 8.35
CA LYS B 19 12.65 -15.52 8.20
C LYS B 19 13.30 -14.14 8.05
N ALA B 20 12.76 -13.37 7.08
CA ALA B 20 13.19 -12.02 6.78
C ALA B 20 13.05 -11.11 8.00
N TYR B 21 11.94 -11.24 8.72
CA TYR B 21 11.74 -10.50 9.94
C TYR B 21 12.92 -10.73 10.89
N LYS B 22 13.27 -12.02 11.12
CA LYS B 22 14.27 -12.37 12.12
C LYS B 22 15.61 -11.78 11.67
N GLU B 23 15.91 -11.91 10.37
CA GLU B 23 17.17 -11.43 9.80
C GLU B 23 17.30 -9.92 9.92
N ALA B 24 16.23 -9.19 9.57
CA ALA B 24 16.26 -7.73 9.56
C ALA B 24 16.46 -7.23 10.98
N MET B 25 15.76 -7.86 11.92
CA MET B 25 15.91 -7.47 13.31
C MET B 25 17.37 -7.67 13.74
N GLU B 26 17.99 -8.80 13.35
CA GLU B 26 19.38 -9.08 13.74
C GLU B 26 20.28 -8.00 13.14
N ALA B 27 20.05 -7.66 11.86
CA ALA B 27 20.85 -6.65 11.19
C ALA B 27 20.78 -5.31 11.92
N LEU B 28 19.59 -4.94 12.42
CA LEU B 28 19.42 -3.65 13.05
C LEU B 28 20.10 -3.62 14.41
N LYS B 29 20.09 -4.76 15.15
CA LYS B 29 20.81 -4.88 16.40
C LYS B 29 22.29 -4.52 16.18
N GLU B 30 22.86 -4.95 15.05
CA GLU B 30 24.28 -4.78 14.76
C GLU B 30 24.60 -3.43 14.09
N ASN B 31 23.59 -2.64 13.66
CA ASN B 31 23.85 -1.41 12.94
C ASN B 31 24.05 -0.26 13.92
N PRO B 32 25.24 0.38 13.92
CA PRO B 32 25.54 1.42 14.91
C PRO B 32 24.85 2.75 14.67
N THR B 33 24.16 2.93 13.53
CA THR B 33 23.43 4.18 13.27
C THR B 33 21.96 4.08 13.66
N ILE B 34 21.56 2.99 14.33
CA ILE B 34 20.16 2.73 14.66
C ILE B 34 19.96 2.63 16.16
N ASP B 35 18.99 3.40 16.69
CA ASP B 35 18.50 3.21 18.05
C ASP B 35 17.27 2.31 18.00
N LEU B 36 17.49 1.00 18.14
CA LEU B 36 16.42 0.02 18.09
C LEU B 36 15.54 0.05 19.33
N GLU B 37 16.13 0.40 20.48
CA GLU B 37 15.35 0.44 21.71
C GLU B 37 14.18 1.41 21.52
N ASN B 38 14.41 2.55 20.84
CA ASN B 38 13.41 3.61 20.80
C ASN B 38 12.68 3.62 19.45
N SER B 39 12.88 2.55 18.67
CA SER B 39 12.18 2.35 17.44
C SER B 39 10.82 1.72 17.73
N TYR B 40 9.96 1.74 16.71
CA TYR B 40 8.60 1.24 16.85
C TYR B 40 8.54 -0.11 16.16
N VAL B 41 8.25 -1.13 16.97
CA VAL B 41 8.11 -2.49 16.51
C VAL B 41 6.67 -2.91 16.74
N PRO B 42 5.83 -3.01 15.69
CA PRO B 42 4.42 -3.32 15.88
C PRO B 42 4.16 -4.48 16.85
N LEU B 43 4.92 -5.57 16.68
CA LEU B 43 4.60 -6.82 17.35
C LEU B 43 4.75 -6.69 18.87
N ASP B 44 5.56 -5.72 19.32
CA ASP B 44 5.73 -5.44 20.73
C ASP B 44 4.82 -4.30 21.21
N ASN B 45 3.92 -3.84 20.34
CA ASN B 45 3.10 -2.69 20.67
C ASN B 45 1.62 -3.00 20.43
N GLN B 46 1.25 -4.27 20.65
CA GLN B 46 -0.13 -4.72 20.49
C GLN B 46 -1.00 -4.00 21.52
N TYR B 47 -2.18 -3.53 21.10
CA TYR B 47 -2.94 -2.55 21.89
C TYR B 47 -3.41 -3.25 23.17
N LYS B 48 -3.16 -2.60 24.31
CA LYS B 48 -3.59 -3.08 25.63
C LYS B 48 -3.04 -4.48 25.94
N GLY B 49 -2.05 -4.94 25.17
CA GLY B 49 -1.48 -6.27 25.33
C GLY B 49 -2.34 -7.38 24.74
N ILE B 50 -3.55 -7.08 24.25
CA ILE B 50 -4.44 -8.10 23.73
C ILE B 50 -3.74 -8.82 22.58
N ARG B 51 -3.74 -10.17 22.63
CA ARG B 51 -3.05 -10.94 21.61
C ARG B 51 -4.12 -11.54 20.68
N VAL B 52 -4.15 -11.06 19.44
CA VAL B 52 -5.27 -11.32 18.53
C VAL B 52 -5.29 -12.78 18.09
N ASP B 53 -4.16 -13.49 18.26
CA ASP B 53 -4.09 -14.89 17.89
C ASP B 53 -4.93 -15.70 18.87
N GLU B 54 -4.86 -15.30 20.16
CA GLU B 54 -5.54 -15.99 21.24
C GLU B 54 -6.95 -15.42 21.48
N HIS B 55 -7.28 -14.27 20.87
CA HIS B 55 -8.60 -13.69 21.02
C HIS B 55 -9.08 -13.04 19.71
N PRO B 56 -9.40 -13.84 18.67
CA PRO B 56 -9.76 -13.31 17.36
C PRO B 56 -11.10 -12.58 17.30
N GLU B 57 -11.81 -12.54 18.44
CA GLU B 57 -13.06 -11.79 18.52
C GLU B 57 -12.77 -10.30 18.32
N TYR B 58 -11.56 -9.84 18.72
CA TYR B 58 -11.22 -8.42 18.60
C TYR B 58 -11.06 -7.94 17.16
N LEU B 59 -11.02 -8.85 16.18
CA LEU B 59 -10.95 -8.48 14.78
C LEU B 59 -12.28 -7.89 14.27
N HIS B 60 -13.35 -7.99 15.07
CA HIS B 60 -14.66 -7.40 14.73
C HIS B 60 -14.94 -6.15 15.59
N ASP B 61 -14.03 -5.83 16.54
CA ASP B 61 -14.11 -4.69 17.43
C ASP B 61 -13.50 -3.49 16.72
N LYS B 62 -14.29 -2.42 16.58
CA LYS B 62 -13.88 -1.23 15.84
C LYS B 62 -12.92 -0.38 16.66
N VAL B 63 -13.01 -0.50 17.98
CA VAL B 63 -12.16 0.26 18.87
C VAL B 63 -10.74 -0.33 18.83
N TRP B 64 -10.65 -1.66 18.96
CA TRP B 64 -9.37 -2.35 18.81
C TRP B 64 -8.72 -1.94 17.49
N ALA B 65 -9.47 -2.03 16.39
CA ALA B 65 -8.94 -1.73 15.05
C ALA B 65 -8.51 -0.28 14.94
N THR B 66 -9.30 0.65 15.49
CA THR B 66 -8.99 2.06 15.42
C THR B 66 -7.68 2.32 16.14
N ALA B 67 -7.53 1.82 17.36
CA ALA B 67 -6.31 2.05 18.14
C ALA B 67 -5.07 1.39 17.53
N THR B 68 -5.23 0.22 16.94
CA THR B 68 -4.10 -0.49 16.40
C THR B 68 -3.62 0.24 15.13
N TYR B 69 -4.57 0.58 14.28
CA TYR B 69 -4.28 1.32 13.06
C TYR B 69 -3.60 2.62 13.44
N ASN B 70 -4.12 3.31 14.47
CA ASN B 70 -3.57 4.61 14.83
C ASN B 70 -2.18 4.49 15.42
N ASN B 71 -1.92 3.39 16.14
CA ASN B 71 -0.63 3.18 16.77
C ASN B 71 0.44 2.99 15.71
N ASP B 72 0.09 2.22 14.67
CA ASP B 72 1.01 1.99 13.57
C ASP B 72 1.34 3.33 12.90
N LEU B 73 0.30 4.13 12.59
CA LEU B 73 0.50 5.40 11.92
C LEU B 73 1.40 6.26 12.79
N ASN B 74 1.11 6.23 14.09
CA ASN B 74 1.84 7.04 15.05
C ASN B 74 3.31 6.63 15.11
N GLY B 75 3.54 5.31 15.06
CA GLY B 75 4.90 4.78 15.06
C GLY B 75 5.67 5.23 13.83
N ILE B 76 5.00 5.31 12.66
CA ILE B 76 5.69 5.79 11.48
C ILE B 76 6.03 7.28 11.64
N LYS B 77 5.04 8.06 12.08
CA LYS B 77 5.18 9.50 12.03
C LYS B 77 6.15 10.00 13.09
N THR B 78 6.30 9.31 14.24
CA THR B 78 7.17 9.84 15.30
C THR B 78 8.58 9.25 15.23
N ASN B 79 8.91 8.44 14.21
CA ASN B 79 10.26 7.91 14.05
C ASN B 79 10.91 8.45 12.78
N ASP B 80 12.25 8.32 12.70
CA ASP B 80 13.02 9.04 11.72
C ASP B 80 12.82 8.39 10.35
N ILE B 81 12.74 7.06 10.33
CA ILE B 81 12.94 6.34 9.08
C ILE B 81 11.92 5.21 8.96
N MET B 82 11.46 5.03 7.71
CA MET B 82 10.51 3.98 7.37
C MET B 82 11.27 2.84 6.76
N LEU B 83 11.16 1.66 7.40
CA LEU B 83 11.79 0.45 6.93
C LEU B 83 10.69 -0.50 6.50
N GLY B 84 10.81 -1.01 5.27
CA GLY B 84 9.89 -2.00 4.73
C GLY B 84 10.60 -3.31 4.36
N VAL B 85 10.41 -4.33 5.18
CA VAL B 85 10.90 -5.66 4.85
C VAL B 85 9.97 -6.21 3.78
N TYR B 86 10.51 -6.37 2.57
CA TYR B 86 9.70 -6.61 1.38
C TYR B 86 10.02 -7.96 0.75
N ILE B 87 8.99 -8.81 0.63
CA ILE B 87 9.09 -10.12 0.00
C ILE B 87 8.41 -10.07 -1.35
N PRO B 88 9.18 -10.12 -2.47
CA PRO B 88 8.61 -9.95 -3.80
C PRO B 88 7.53 -10.95 -4.19
N ASP B 89 7.61 -12.16 -3.66
CA ASP B 89 6.62 -13.18 -3.98
C ASP B 89 5.38 -13.06 -3.09
N GLU B 90 5.46 -12.25 -2.02
CA GLU B 90 4.40 -12.15 -1.03
C GLU B 90 4.11 -10.67 -0.72
N GLU B 91 3.74 -9.89 -1.74
CA GLU B 91 3.66 -8.46 -1.53
C GLU B 91 2.42 -8.11 -0.70
N ASP B 92 2.55 -7.12 0.20
CA ASP B 92 1.60 -6.86 1.27
C ASP B 92 0.90 -5.51 1.05
N VAL B 93 -0.43 -5.53 0.88
CA VAL B 93 -1.23 -4.32 0.76
C VAL B 93 -1.06 -3.40 1.98
N GLY B 94 -0.92 -3.97 3.19
CA GLY B 94 -0.77 -3.17 4.40
C GLY B 94 0.54 -2.38 4.37
N LEU B 95 1.61 -3.06 3.97
CA LEU B 95 2.91 -2.43 3.91
C LEU B 95 2.87 -1.34 2.88
N GLY B 96 2.18 -1.62 1.76
CA GLY B 96 2.03 -0.66 0.67
C GLY B 96 1.47 0.65 1.22
N MET B 97 0.39 0.56 2.00
CA MET B 97 -0.27 1.70 2.59
C MET B 97 0.70 2.46 3.50
N GLU B 98 1.44 1.70 4.32
CA GLU B 98 2.36 2.28 5.31
C GLU B 98 3.45 3.07 4.57
N LEU B 99 3.89 2.53 3.42
CA LEU B 99 4.92 3.18 2.61
C LEU B 99 4.39 4.53 2.13
N GLY B 100 3.16 4.54 1.63
CA GLY B 100 2.56 5.76 1.15
C GLY B 100 2.41 6.78 2.27
N TYR B 101 2.01 6.33 3.47
CA TYR B 101 1.88 7.21 4.61
C TYR B 101 3.25 7.78 4.98
N ALA B 102 4.28 6.94 5.01
CA ALA B 102 5.63 7.38 5.33
C ALA B 102 6.11 8.45 4.36
N LEU B 103 5.81 8.28 3.06
CA LEU B 103 6.11 9.28 2.05
C LEU B 103 5.44 10.60 2.42
N SER B 104 4.17 10.54 2.80
CA SER B 104 3.42 11.74 3.09
C SER B 104 3.97 12.43 4.34
N GLN B 105 4.60 11.66 5.23
CA GLN B 105 5.13 12.23 6.46
C GLN B 105 6.58 12.67 6.31
N GLY B 106 7.15 12.59 5.11
CA GLY B 106 8.46 13.17 4.85
C GLY B 106 9.61 12.26 5.31
N LYS B 107 9.34 10.96 5.45
CA LYS B 107 10.32 10.00 5.92
C LYS B 107 11.12 9.42 4.75
N TYR B 108 12.40 9.16 5.02
CA TYR B 108 13.17 8.26 4.19
C TYR B 108 12.49 6.91 4.15
N VAL B 109 12.30 6.36 2.95
CA VAL B 109 11.63 5.09 2.77
C VAL B 109 12.61 4.08 2.17
N LEU B 110 13.02 3.11 3.01
CA LEU B 110 14.00 2.09 2.65
C LEU B 110 13.35 0.71 2.61
N LEU B 111 13.41 0.04 1.46
CA LEU B 111 12.99 -1.35 1.38
C LEU B 111 14.21 -2.25 1.52
N VAL B 112 14.02 -3.38 2.21
CA VAL B 112 15.01 -4.44 2.33
C VAL B 112 14.42 -5.76 1.84
N ILE B 113 15.07 -6.35 0.84
CA ILE B 113 14.67 -7.60 0.25
C ILE B 113 15.70 -8.68 0.59
N PRO B 114 15.27 -9.88 1.02
CA PRO B 114 16.20 -10.99 1.21
C PRO B 114 17.10 -11.20 0.01
N ASP B 115 18.39 -11.48 0.27
CA ASP B 115 19.37 -11.62 -0.81
C ASP B 115 18.91 -12.66 -1.81
N GLU B 116 18.30 -13.75 -1.33
CA GLU B 116 17.80 -14.80 -2.23
C GLU B 116 16.77 -14.23 -3.22
N ASP B 117 16.13 -13.10 -2.87
CA ASP B 117 15.04 -12.56 -3.67
C ASP B 117 15.44 -11.28 -4.39
N TYR B 118 16.58 -10.66 -4.05
CA TYR B 118 16.91 -9.37 -4.62
C TYR B 118 17.09 -9.52 -6.14
N GLY B 119 16.41 -8.70 -6.93
CA GLY B 119 16.37 -8.82 -8.39
C GLY B 119 14.99 -9.20 -8.93
N LYS B 120 14.18 -9.88 -8.11
CA LYS B 120 12.87 -10.35 -8.55
C LYS B 120 11.91 -9.16 -8.72
N PRO B 121 10.88 -9.28 -9.57
CA PRO B 121 10.06 -8.13 -9.90
C PRO B 121 9.28 -7.63 -8.69
N ILE B 122 9.22 -6.30 -8.56
CA ILE B 122 8.40 -5.68 -7.53
C ILE B 122 7.44 -4.72 -8.21
N ASN B 123 6.33 -4.49 -7.50
CA ASN B 123 5.31 -3.59 -7.97
C ASN B 123 5.89 -2.20 -8.28
N LEU B 124 5.46 -1.63 -9.41
CA LEU B 124 5.87 -0.29 -9.83
C LEU B 124 5.72 0.72 -8.72
N MET B 125 4.63 0.65 -7.96
CA MET B 125 4.40 1.69 -6.96
C MET B 125 5.32 1.49 -5.76
N SER B 126 5.70 0.24 -5.46
CA SER B 126 6.70 0.00 -4.43
C SER B 126 8.06 0.59 -4.82
N TRP B 127 8.43 0.32 -6.07
CA TRP B 127 9.62 0.89 -6.68
C TRP B 127 9.64 2.42 -6.53
N GLY B 128 8.49 3.04 -6.79
CA GLY B 128 8.39 4.50 -6.84
C GLY B 128 8.33 5.14 -5.45
N VAL B 129 7.56 4.57 -4.51
CA VAL B 129 7.49 5.17 -3.18
C VAL B 129 8.87 5.15 -2.54
N SER B 130 9.62 4.07 -2.78
CA SER B 130 10.89 3.85 -2.13
C SER B 130 11.86 4.98 -2.52
N ASP B 131 12.64 5.42 -1.53
CA ASP B 131 13.82 6.20 -1.81
C ASP B 131 15.02 5.31 -2.17
N ASN B 132 15.00 4.05 -1.74
CA ASN B 132 16.10 3.15 -2.00
C ASN B 132 15.65 1.73 -1.69
N VAL B 133 16.22 0.75 -2.39
CA VAL B 133 16.00 -0.63 -1.99
C VAL B 133 17.29 -1.43 -2.00
N ILE B 134 17.53 -2.12 -0.88
CA ILE B 134 18.80 -2.79 -0.62
C ILE B 134 18.56 -4.25 -0.28
N LYS B 135 19.66 -5.00 -0.16
CA LYS B 135 19.60 -6.41 0.19
C LYS B 135 19.73 -6.54 1.70
N MET B 136 19.14 -7.61 2.22
CA MET B 136 19.14 -7.85 3.66
C MET B 136 20.57 -7.74 4.20
N SER B 137 21.55 -8.21 3.41
CA SER B 137 22.94 -8.31 3.84
C SER B 137 23.58 -6.93 3.98
N GLN B 138 22.99 -5.89 3.35
CA GLN B 138 23.54 -4.54 3.44
C GLN B 138 22.96 -3.74 4.62
N LEU B 139 21.97 -4.30 5.31
CA LEU B 139 21.24 -3.58 6.35
C LEU B 139 22.12 -3.35 7.57
N LYS B 140 22.95 -4.35 7.94
CA LYS B 140 23.89 -4.28 9.06
C LYS B 140 24.71 -2.98 9.04
N ASP B 141 25.08 -2.53 7.83
CA ASP B 141 26.10 -1.50 7.68
C ASP B 141 25.53 -0.24 7.03
N PHE B 142 24.23 -0.23 6.72
CA PHE B 142 23.62 0.94 6.10
C PHE B 142 23.81 2.16 7.00
N ASN B 143 24.30 3.26 6.41
CA ASN B 143 24.46 4.48 7.19
C ASN B 143 23.16 5.29 7.18
N PHE B 144 22.40 5.22 8.26
CA PHE B 144 21.12 5.89 8.33
C PHE B 144 21.24 7.38 8.59
N ASN B 145 22.46 7.88 8.80
CA ASN B 145 22.67 9.30 9.00
C ASN B 145 22.84 10.02 7.66
N LYS B 146 23.18 9.25 6.61
CA LYS B 146 23.45 9.78 5.28
C LYS B 146 22.67 8.94 4.27
N PRO B 147 21.33 8.84 4.41
CA PRO B 147 20.51 8.03 3.52
C PRO B 147 20.37 8.69 2.16
N ARG B 148 20.59 7.93 1.10
CA ARG B 148 20.61 8.51 -0.23
C ARG B 148 19.54 7.84 -1.10
N PHE B 149 19.21 8.50 -2.22
CA PHE B 149 18.28 8.00 -3.22
C PHE B 149 19.00 7.08 -4.20
N ASP B 150 18.44 5.90 -4.47
CA ASP B 150 18.93 5.08 -5.57
C ASP B 150 17.81 4.16 -6.07
N PHE B 151 18.02 3.58 -7.25
CA PHE B 151 17.06 2.68 -7.88
C PHE B 151 17.38 1.22 -7.52
N TYR B 152 16.31 0.44 -7.36
CA TYR B 152 16.38 -1.02 -7.31
C TYR B 152 17.15 -1.57 -8.51
N GLU B 153 18.05 -2.53 -8.24
CA GLU B 153 18.77 -3.26 -9.27
C GLU B 153 17.97 -4.54 -9.52
N GLY B 154 16.87 -4.40 -10.27
CA GLY B 154 15.87 -5.46 -10.32
C GLY B 154 14.70 -5.08 -11.21
N ALA B 155 13.79 -6.02 -11.39
CA ALA B 155 12.68 -5.83 -12.31
C ALA B 155 11.49 -5.18 -11.60
N VAL B 156 10.66 -4.48 -12.37
CA VAL B 156 9.44 -3.93 -11.80
C VAL B 156 8.27 -4.12 -12.77
N TYR B 157 7.14 -4.67 -12.28
CA TYR B 157 5.95 -4.95 -13.09
C TYR B 157 4.82 -3.90 -12.86
N3 CYT C . 1.28 0.02 -13.92
C4 CYT C . 1.94 -1.12 -13.54
N1 CYT C . 0.66 0.44 -11.68
C2 CYT C . 0.63 0.83 -13.00
O2 CYT C . 0.04 1.88 -13.41
N4 CYT C . 2.56 -1.87 -14.45
C5 CYT C . 1.97 -1.48 -12.22
C6 CYT C . 1.32 -0.68 -11.30
O5 RIB D . -0.70 -2.67 -8.67
C5 RIB D . -1.39 -1.95 -9.68
C4 RIB D . -1.89 -0.60 -9.20
O4 RIB D . -1.07 0.50 -9.67
C3 RIB D . -3.31 -0.29 -9.70
O3 RIB D . -4.26 -0.12 -8.65
C2 RIB D . -3.16 1.05 -10.39
O2 RIB D . -4.39 1.64 -10.08
C1 RIB D . -1.91 1.66 -9.72
#